data_7BOR
#
_entry.id   7BOR
#
_cell.length_a   81.546
_cell.length_b   81.546
_cell.length_c   59.174
_cell.angle_alpha   90.000
_cell.angle_beta   90.000
_cell.angle_gamma   120.000
#
_symmetry.space_group_name_H-M   'P 3'
#
loop_
_entity.id
_entity.type
_entity.pdbx_description
1 polymer 'Probable enoyl-CoA hydratase/isomerase'
2 non-polymer 'COENZYME A'
3 water water
#
_entity_poly.entity_id   1
_entity_poly.type   'polypeptide(L)'
_entity_poly.pdbx_seq_one_letter_code
;MSELIRVERETGLLTLRLDRQDKKNALTRAMYSRMAEALLEAQADTAVRVVLITGGDACFTSGNDILDFLEQPPSLRDSP
VGRFMSALLEFPKPVIAAVNGPAVGIGTTLLLHCDLVFVGRNARLKMPFVNLGLTPEFGSSLILPRMLGHAKAAELLMLG
QDFSGEQAAAWGLANAALEDGATVLEHARDAARRFLHLAPSAVVESKRLMKAPFIEELRRVIAEEGDIFSTRLRSPEAIE
ALSAFMHRRQPDFSRFA
;
_entity_poly.pdbx_strand_id   A,C
#
# COMPACT_ATOMS: atom_id res chain seq x y z
N SER A 2 -19.52 5.17 -4.94
CA SER A 2 -19.20 3.79 -5.34
C SER A 2 -17.69 3.54 -5.31
N GLU A 3 -17.06 4.00 -4.23
CA GLU A 3 -15.63 4.22 -4.19
C GLU A 3 -14.84 3.00 -3.73
N LEU A 4 -15.38 2.17 -2.84
CA LEU A 4 -14.57 1.16 -2.18
C LEU A 4 -14.82 -0.28 -2.64
N ILE A 5 -15.99 -0.57 -3.23
CA ILE A 5 -16.29 -1.86 -3.88
C ILE A 5 -16.60 -1.58 -5.35
N ARG A 6 -15.73 -2.03 -6.26
CA ARG A 6 -15.99 -1.95 -7.69
C ARG A 6 -16.78 -3.16 -8.18
N VAL A 7 -17.73 -2.93 -9.07
CA VAL A 7 -18.62 -3.98 -9.58
C VAL A 7 -18.57 -4.11 -11.11
N GLU A 8 -17.55 -4.80 -11.62
CA GLU A 8 -17.41 -4.98 -13.08
C GLU A 8 -18.30 -6.13 -13.57
N ARG A 9 -19.38 -5.77 -14.28
CA ARG A 9 -20.29 -6.74 -14.91
C ARG A 9 -19.79 -7.04 -16.32
N GLU A 10 -19.05 -8.18 -16.47
CA GLU A 10 -18.70 -8.65 -17.80
C GLU A 10 -19.77 -9.62 -18.35
N THR A 11 -19.37 -10.50 -19.29
CA THR A 11 -20.29 -11.43 -19.97
C THR A 11 -20.57 -12.61 -19.04
N GLY A 12 -21.78 -12.64 -18.46
CA GLY A 12 -22.17 -13.68 -17.51
C GLY A 12 -21.46 -13.64 -16.16
N LEU A 13 -20.47 -12.77 -15.99
CA LEU A 13 -19.57 -12.79 -14.84
C LEU A 13 -19.63 -11.46 -14.11
N LEU A 14 -20.03 -11.49 -12.84
CA LEU A 14 -20.01 -10.31 -11.99
C LEU A 14 -18.78 -10.36 -11.11
N THR A 15 -17.99 -9.29 -11.10
CA THR A 15 -16.76 -9.21 -10.33
C THR A 15 -16.88 -8.15 -9.24
N LEU A 16 -16.77 -8.59 -7.97
CA LEU A 16 -16.69 -7.68 -6.82
C LEU A 16 -15.22 -7.49 -6.45
N ARG A 17 -14.73 -6.26 -6.62
CA ARG A 17 -13.31 -5.96 -6.47
C ARG A 17 -13.15 -4.98 -5.31
N LEU A 18 -12.66 -5.49 -4.17
CA LEU A 18 -12.32 -4.66 -3.02
C LEU A 18 -11.26 -3.63 -3.39
N ASP A 19 -11.58 -2.34 -3.24
CA ASP A 19 -10.64 -1.28 -3.63
C ASP A 19 -10.48 -0.28 -2.48
N ARG A 20 -9.63 -0.64 -1.50
CA ARG A 20 -9.33 0.19 -0.34
C ARG A 20 -7.88 -0.12 0.05
N GLN A 21 -6.95 0.11 -0.87
CA GLN A 21 -5.60 -0.43 -0.73
C GLN A 21 -4.86 0.20 0.44
N ASP A 22 -5.06 1.49 0.67
CA ASP A 22 -4.43 2.16 1.81
C ASP A 22 -4.75 1.47 3.15
N LYS A 23 -5.86 0.76 3.25
CA LYS A 23 -6.22 0.09 4.49
C LYS A 23 -6.18 -1.43 4.34
N LYS A 24 -5.39 -1.93 3.40
CA LYS A 24 -5.29 -3.37 3.17
C LYS A 24 -6.65 -4.01 2.92
N ASN A 25 -7.53 -3.26 2.24
CA ASN A 25 -8.89 -3.64 1.91
C ASN A 25 -9.72 -4.02 3.14
N ALA A 26 -9.45 -3.38 4.28
CA ALA A 26 -10.23 -3.61 5.50
C ALA A 26 -11.69 -3.28 5.25
N LEU A 27 -12.57 -4.15 5.68
CA LEU A 27 -13.97 -4.10 5.27
C LEU A 27 -14.81 -3.24 6.22
N THR A 28 -15.36 -2.15 5.69
CA THR A 28 -16.25 -1.23 6.38
C THR A 28 -17.73 -1.61 6.23
N ARG A 29 -18.58 -0.99 7.06
CA ARG A 29 -20.01 -1.27 6.98
C ARG A 29 -20.55 -0.99 5.57
N ALA A 30 -20.02 0.03 4.90
CA ALA A 30 -20.50 0.38 3.57
C ALA A 30 -19.99 -0.60 2.51
N MET A 31 -18.84 -1.22 2.76
CA MET A 31 -18.37 -2.25 1.84
C MET A 31 -19.19 -3.52 1.98
N TYR A 32 -19.46 -3.91 3.23
CA TYR A 32 -20.30 -5.07 3.44
C TYR A 32 -21.66 -4.88 2.81
N SER A 33 -22.22 -3.66 2.94
CA SER A 33 -23.55 -3.38 2.42
C SER A 33 -23.55 -3.44 0.89
N ARG A 34 -22.52 -2.87 0.25
CA ARG A 34 -22.46 -2.92 -1.21
C ARG A 34 -22.34 -4.36 -1.69
N MET A 35 -21.53 -5.18 -1.01
CA MET A 35 -21.37 -6.57 -1.44
C MET A 35 -22.64 -7.36 -1.20
N ALA A 36 -23.31 -7.13 -0.08
CA ALA A 36 -24.54 -7.87 0.18
C ALA A 36 -25.59 -7.58 -0.88
N GLU A 37 -25.75 -6.33 -1.29
CA GLU A 37 -26.77 -6.03 -2.28
C GLU A 37 -26.33 -6.47 -3.68
N ALA A 38 -25.03 -6.34 -3.97
CA ALA A 38 -24.52 -6.82 -5.26
C ALA A 38 -24.77 -8.31 -5.43
N LEU A 39 -24.50 -9.10 -4.37
CA LEU A 39 -24.87 -10.51 -4.40
C LEU A 39 -26.38 -10.71 -4.59
N LEU A 40 -27.20 -9.99 -3.82
CA LEU A 40 -28.63 -10.28 -3.83
C LEU A 40 -29.29 -9.88 -5.15
N GLU A 41 -28.76 -8.86 -5.81
CA GLU A 41 -29.26 -8.50 -7.14
C GLU A 41 -28.86 -9.57 -8.14
N ALA A 42 -27.53 -9.72 -8.37
CA ALA A 42 -26.96 -10.75 -9.24
C ALA A 42 -27.58 -12.12 -9.08
N GLN A 43 -27.92 -12.48 -7.83
CA GLN A 43 -28.68 -13.69 -7.56
C GLN A 43 -29.96 -13.76 -8.39
N ALA A 44 -30.60 -12.61 -8.60
CA ALA A 44 -31.84 -12.56 -9.37
C ALA A 44 -31.61 -12.21 -10.83
N ASP A 45 -30.42 -11.74 -11.16
CA ASP A 45 -30.12 -11.29 -12.52
C ASP A 45 -29.70 -12.48 -13.35
N THR A 46 -30.65 -12.98 -14.16
CA THR A 46 -30.41 -14.09 -15.07
C THR A 46 -29.19 -13.85 -15.96
N ALA A 47 -28.89 -12.59 -16.28
CA ALA A 47 -27.68 -12.36 -17.04
C ALA A 47 -26.44 -12.82 -16.29
N VAL A 48 -26.51 -12.94 -14.96
CA VAL A 48 -25.32 -13.24 -14.18
C VAL A 48 -25.28 -14.74 -13.88
N ARG A 49 -24.18 -15.36 -14.28
CA ARG A 49 -23.90 -16.78 -14.14
C ARG A 49 -22.90 -17.09 -13.04
N VAL A 50 -21.94 -16.21 -12.81
CA VAL A 50 -20.84 -16.45 -11.88
C VAL A 50 -20.43 -15.13 -11.23
N VAL A 51 -20.10 -15.19 -9.93
CA VAL A 51 -19.48 -14.07 -9.25
C VAL A 51 -18.04 -14.40 -8.92
N LEU A 52 -17.16 -13.42 -9.12
CA LEU A 52 -15.78 -13.45 -8.71
C LEU A 52 -15.50 -12.40 -7.64
N ILE A 53 -14.82 -12.80 -6.57
CA ILE A 53 -14.43 -11.85 -5.53
C ILE A 53 -12.93 -11.75 -5.47
N THR A 54 -12.40 -10.53 -5.38
CA THR A 54 -10.97 -10.33 -5.33
C THR A 54 -10.61 -8.96 -4.77
N GLY A 55 -9.43 -8.87 -4.16
CA GLY A 55 -8.85 -7.61 -3.83
C GLY A 55 -7.84 -7.07 -4.84
N GLY A 56 -7.63 -7.78 -5.94
CA GLY A 56 -6.63 -7.43 -6.94
C GLY A 56 -5.35 -8.22 -6.77
N ASP A 57 -4.28 -7.67 -7.35
CA ASP A 57 -3.05 -8.42 -7.56
C ASP A 57 -2.20 -8.55 -6.31
N ALA A 58 -2.36 -7.65 -5.35
CA ALA A 58 -1.49 -7.62 -4.20
C ALA A 58 -2.15 -7.91 -2.85
N CYS A 59 -3.46 -7.78 -2.74
CA CYS A 59 -4.07 -7.81 -1.42
C CYS A 59 -5.49 -8.33 -1.55
N PHE A 60 -5.88 -9.24 -0.66
CA PHE A 60 -7.28 -9.67 -0.68
C PHE A 60 -8.08 -8.81 0.34
N THR A 61 -8.02 -9.12 1.65
CA THR A 61 -8.56 -8.19 2.66
C THR A 61 -7.97 -8.50 4.03
N SER A 62 -7.66 -7.47 4.79
CA SER A 62 -7.23 -7.67 6.18
C SER A 62 -8.41 -7.94 7.11
N GLY A 63 -9.61 -8.13 6.55
CA GLY A 63 -10.74 -8.48 7.36
C GLY A 63 -11.47 -7.23 7.82
N ASN A 64 -12.31 -7.44 8.82
CA ASN A 64 -13.18 -6.38 9.33
C ASN A 64 -12.39 -5.14 9.68
N ASP A 65 -12.93 -3.98 9.33
CA ASP A 65 -12.38 -2.74 9.82
C ASP A 65 -12.43 -2.73 11.35
N ILE A 66 -11.27 -2.60 12.00
CA ILE A 66 -11.22 -2.74 13.45
C ILE A 66 -11.79 -1.50 14.16
N LEU A 67 -11.57 -0.31 13.60
CA LEU A 67 -12.23 0.90 14.08
C LEU A 67 -13.73 0.72 14.14
N ASP A 68 -14.31 0.16 13.07
CA ASP A 68 -15.73 -0.14 13.10
C ASP A 68 -16.05 -1.04 14.28
N PHE A 69 -15.20 -2.03 14.54
CA PHE A 69 -15.43 -2.96 15.65
C PHE A 69 -15.39 -2.24 16.99
N LEU A 70 -14.50 -1.28 17.12
CA LEU A 70 -14.29 -0.57 18.37
C LEU A 70 -15.35 0.50 18.60
N GLU A 71 -15.70 1.28 17.57
CA GLU A 71 -16.60 2.41 17.74
C GLU A 71 -18.05 1.99 17.80
N GLN A 72 -18.41 0.93 17.09
CA GLN A 72 -19.81 0.52 16.95
C GLN A 72 -19.86 -0.98 16.83
N PRO A 73 -19.71 -1.71 17.95
CA PRO A 73 -19.73 -3.17 17.91
C PRO A 73 -21.04 -3.70 17.33
N PRO A 74 -20.98 -4.34 16.16
CA PRO A 74 -22.21 -4.86 15.55
C PRO A 74 -22.69 -6.12 16.25
N SER A 75 -24.01 -6.22 16.39
CA SER A 75 -24.69 -7.52 16.49
C SER A 75 -24.55 -8.24 15.15
N LEU A 76 -23.86 -9.39 15.14
CA LEU A 76 -23.54 -10.00 13.86
C LEU A 76 -24.81 -10.29 13.06
N ARG A 77 -25.85 -10.85 13.69
CA ARG A 77 -27.08 -11.12 12.95
C ARG A 77 -27.53 -9.89 12.15
N ASP A 78 -27.90 -8.83 12.84
CA ASP A 78 -28.57 -7.68 12.26
C ASP A 78 -27.54 -6.56 12.17
N SER A 79 -26.82 -6.55 11.05
CA SER A 79 -25.72 -5.64 10.78
C SER A 79 -25.32 -5.81 9.32
N PRO A 80 -24.56 -4.87 8.76
CA PRO A 80 -24.02 -5.06 7.42
C PRO A 80 -23.15 -6.31 7.28
N VAL A 81 -22.27 -6.59 8.25
CA VAL A 81 -21.47 -7.81 8.11
C VAL A 81 -22.37 -9.05 8.13
N GLY A 82 -23.35 -9.07 9.01
CA GLY A 82 -24.28 -10.18 9.04
C GLY A 82 -25.04 -10.36 7.74
N ARG A 83 -25.40 -9.25 7.10
CA ARG A 83 -26.12 -9.33 5.83
C ARG A 83 -25.19 -9.79 4.72
N PHE A 84 -23.92 -9.37 4.75
CA PHE A 84 -22.96 -9.92 3.79
C PHE A 84 -22.80 -11.42 4.00
N MET A 85 -22.64 -11.86 5.25
CA MET A 85 -22.47 -13.29 5.51
C MET A 85 -23.65 -14.10 5.00
N SER A 86 -24.87 -13.63 5.31
CA SER A 86 -26.06 -14.36 4.92
C SER A 86 -26.16 -14.40 3.42
N ALA A 87 -25.91 -13.27 2.78
CA ALA A 87 -25.99 -13.20 1.32
C ALA A 87 -25.00 -14.17 0.64
N LEU A 88 -23.74 -14.17 1.05
CA LEU A 88 -22.80 -15.12 0.43
C LEU A 88 -23.18 -16.57 0.76
N LEU A 89 -23.43 -16.85 2.03
CA LEU A 89 -23.83 -18.19 2.41
C LEU A 89 -24.99 -18.70 1.56
N GLU A 90 -25.98 -17.87 1.31
CA GLU A 90 -27.17 -18.30 0.59
C GLU A 90 -27.05 -18.07 -0.91
N PHE A 91 -25.94 -17.51 -1.39
CA PHE A 91 -25.82 -17.23 -2.81
C PHE A 91 -25.95 -18.54 -3.59
N PRO A 92 -26.92 -18.66 -4.51
CA PRO A 92 -27.16 -19.95 -5.16
C PRO A 92 -26.34 -20.23 -6.40
N LYS A 93 -25.65 -19.26 -6.96
CA LYS A 93 -24.83 -19.47 -8.15
C LYS A 93 -23.35 -19.57 -7.80
N PRO A 94 -22.51 -19.95 -8.78
CA PRO A 94 -21.07 -20.12 -8.51
C PRO A 94 -20.41 -18.83 -8.02
N VAL A 95 -19.67 -18.96 -6.92
CA VAL A 95 -18.86 -17.87 -6.40
C VAL A 95 -17.39 -18.31 -6.37
N ILE A 96 -16.51 -17.49 -6.94
CA ILE A 96 -15.06 -17.77 -7.05
C ILE A 96 -14.28 -16.66 -6.36
N ALA A 97 -13.34 -17.04 -5.49
CA ALA A 97 -12.40 -16.11 -4.89
C ALA A 97 -11.05 -16.19 -5.57
N ALA A 98 -10.40 -15.02 -5.66
CA ALA A 98 -9.06 -14.84 -6.24
C ALA A 98 -8.26 -14.03 -5.24
N VAL A 99 -7.31 -14.67 -4.58
CA VAL A 99 -6.72 -14.16 -3.35
C VAL A 99 -5.25 -13.92 -3.57
N ASN A 100 -4.81 -12.71 -3.26
CA ASN A 100 -3.39 -12.37 -3.19
C ASN A 100 -3.12 -11.68 -1.85
N GLY A 101 -1.92 -11.82 -1.34
CA GLY A 101 -1.53 -11.07 -0.17
C GLY A 101 -2.28 -11.52 1.06
N PRO A 102 -2.61 -10.58 1.96
CA PRO A 102 -3.31 -10.98 3.19
C PRO A 102 -4.76 -11.32 2.92
N ALA A 103 -5.23 -12.32 3.65
CA ALA A 103 -6.62 -12.75 3.74
C ALA A 103 -6.82 -13.10 5.22
N VAL A 104 -7.33 -12.13 6.01
CA VAL A 104 -7.31 -12.23 7.46
C VAL A 104 -8.73 -12.21 8.01
N GLY A 105 -8.97 -13.04 9.01
CA GLY A 105 -10.27 -12.99 9.66
C GLY A 105 -11.32 -13.46 8.66
N ILE A 106 -12.35 -12.63 8.43
CA ILE A 106 -13.36 -12.96 7.43
C ILE A 106 -12.74 -13.01 6.03
N GLY A 107 -11.50 -12.51 5.88
CA GLY A 107 -10.79 -12.70 4.60
C GLY A 107 -10.54 -14.18 4.29
N THR A 108 -10.28 -14.96 5.34
CA THR A 108 -10.16 -16.41 5.18
C THR A 108 -11.50 -17.09 5.31
N THR A 109 -12.32 -16.72 6.33
CA THR A 109 -13.51 -17.53 6.52
C THR A 109 -14.49 -17.40 5.35
N LEU A 110 -14.51 -16.28 4.64
CA LEU A 110 -15.50 -16.19 3.58
C LEU A 110 -15.18 -17.16 2.46
N LEU A 111 -13.90 -17.50 2.33
CA LEU A 111 -13.45 -18.50 1.36
C LEU A 111 -14.09 -19.85 1.63
N LEU A 112 -14.48 -20.12 2.87
CA LEU A 112 -15.17 -21.36 3.17
C LEU A 112 -16.57 -21.44 2.56
N HIS A 113 -17.10 -20.34 2.01
CA HIS A 113 -18.40 -20.33 1.35
C HIS A 113 -18.30 -20.10 -0.16
N CYS A 114 -17.10 -20.13 -0.71
CA CYS A 114 -16.94 -19.96 -2.13
C CYS A 114 -16.89 -21.34 -2.78
N ASP A 115 -17.25 -21.40 -4.05
CA ASP A 115 -17.21 -22.69 -4.73
C ASP A 115 -15.84 -23.04 -5.29
N LEU A 116 -15.05 -22.05 -5.65
CA LEU A 116 -13.67 -22.27 -6.03
C LEU A 116 -12.87 -21.17 -5.39
N VAL A 117 -11.66 -21.51 -4.96
CA VAL A 117 -10.79 -20.57 -4.28
C VAL A 117 -9.41 -20.70 -4.89
N PHE A 118 -8.93 -19.62 -5.51
CA PHE A 118 -7.57 -19.55 -6.03
C PHE A 118 -6.75 -18.53 -5.26
N VAL A 119 -5.51 -18.89 -4.95
CA VAL A 119 -4.67 -18.06 -4.11
C VAL A 119 -3.29 -18.00 -4.72
N GLY A 120 -2.62 -16.87 -4.52
CA GLY A 120 -1.18 -16.85 -4.73
C GLY A 120 -0.46 -17.73 -3.75
N ARG A 121 0.61 -18.36 -4.24
CA ARG A 121 1.36 -19.28 -3.38
C ARG A 121 1.74 -18.64 -2.06
N ASN A 122 2.13 -17.37 -2.13
CA ASN A 122 2.64 -16.65 -0.98
C ASN A 122 1.58 -15.76 -0.34
N ALA A 123 0.30 -15.95 -0.67
CA ALA A 123 -0.70 -15.21 0.08
C ALA A 123 -0.54 -15.58 1.55
N ARG A 124 -1.05 -14.72 2.43
CA ARG A 124 -0.91 -14.87 3.89
C ARG A 124 -2.29 -14.94 4.52
N LEU A 125 -2.71 -16.14 4.93
CA LEU A 125 -4.04 -16.34 5.45
C LEU A 125 -3.97 -16.50 6.95
N LYS A 126 -4.85 -15.81 7.69
CA LYS A 126 -5.01 -16.23 9.08
C LYS A 126 -6.35 -15.83 9.69
N MET A 127 -6.64 -16.46 10.83
CA MET A 127 -7.89 -16.22 11.57
C MET A 127 -7.47 -15.75 12.95
N PRO A 128 -7.21 -14.46 13.13
CA PRO A 128 -6.53 -14.00 14.34
C PRO A 128 -7.52 -13.74 15.48
N PHE A 129 -8.71 -14.39 15.43
CA PHE A 129 -9.80 -14.01 16.33
C PHE A 129 -9.34 -14.08 17.78
N VAL A 130 -8.77 -15.23 18.15
CA VAL A 130 -8.27 -15.48 19.50
C VAL A 130 -7.18 -14.49 19.90
N ASN A 131 -6.30 -14.13 18.96
CA ASN A 131 -5.30 -13.11 19.28
C ASN A 131 -5.94 -11.78 19.69
N LEU A 132 -7.18 -11.53 19.27
CA LEU A 132 -7.86 -10.25 19.50
C LEU A 132 -8.93 -10.37 20.57
N GLY A 133 -8.87 -11.40 21.40
CA GLY A 133 -9.89 -11.67 22.38
C GLY A 133 -11.24 -12.03 21.80
N LEU A 134 -11.26 -12.48 20.56
CA LEU A 134 -12.47 -12.84 19.87
C LEU A 134 -12.50 -14.35 19.62
N THR A 135 -13.53 -14.80 18.92
CA THR A 135 -13.80 -16.22 18.75
C THR A 135 -14.16 -16.48 17.28
N PRO A 136 -14.29 -17.74 16.87
CA PRO A 136 -14.52 -18.02 15.44
C PRO A 136 -15.83 -17.46 14.94
N GLU A 137 -15.85 -17.20 13.63
CA GLU A 137 -16.95 -16.51 12.95
C GLU A 137 -17.17 -17.18 11.60
N PHE A 138 -18.33 -16.85 10.99
CA PHE A 138 -18.78 -17.31 9.67
C PHE A 138 -18.83 -18.86 9.57
N GLY A 139 -19.11 -19.54 10.66
CA GLY A 139 -19.24 -20.98 10.63
C GLY A 139 -17.95 -21.77 10.62
N SER A 140 -16.81 -21.09 10.74
CA SER A 140 -15.52 -21.74 10.71
C SER A 140 -15.34 -22.71 11.87
N SER A 141 -16.06 -22.51 12.99
CA SER A 141 -15.98 -23.45 14.10
C SER A 141 -16.65 -24.77 13.75
N LEU A 142 -17.53 -24.76 12.77
CA LEU A 142 -18.04 -26.01 12.23
C LEU A 142 -17.26 -26.51 11.02
N ILE A 143 -17.07 -25.65 10.02
CA ILE A 143 -16.50 -26.08 8.75
C ILE A 143 -15.08 -26.60 8.92
N LEU A 144 -14.26 -25.91 9.69
CA LEU A 144 -12.85 -26.28 9.71
C LEU A 144 -12.55 -27.61 10.41
N PRO A 145 -13.17 -27.92 11.56
CA PRO A 145 -12.90 -29.24 12.15
C PRO A 145 -13.46 -30.35 11.29
N ARG A 146 -14.53 -30.10 10.55
CA ARG A 146 -15.08 -31.12 9.68
C ARG A 146 -14.16 -31.42 8.51
N MET A 147 -13.58 -30.37 7.94
CA MET A 147 -12.68 -30.50 6.82
C MET A 147 -11.31 -31.01 7.23
N LEU A 148 -10.80 -30.53 8.34
CA LEU A 148 -9.43 -30.81 8.70
C LEU A 148 -9.24 -31.71 9.92
N GLY A 149 -10.28 -32.06 10.65
CA GLY A 149 -10.14 -32.64 11.97
C GLY A 149 -9.84 -31.60 13.05
N HIS A 150 -10.06 -32.01 14.30
CA HIS A 150 -9.97 -31.02 15.38
C HIS A 150 -8.59 -30.37 15.49
N ALA A 151 -7.53 -31.19 15.61
CA ALA A 151 -6.22 -30.64 15.98
C ALA A 151 -5.72 -29.67 14.93
N LYS A 152 -5.87 -30.03 13.67
CA LYS A 152 -5.41 -29.12 12.62
C LYS A 152 -6.24 -27.83 12.60
N ALA A 153 -7.58 -27.95 12.78
CA ALA A 153 -8.43 -26.76 12.86
C ALA A 153 -8.05 -25.90 14.07
N ALA A 154 -7.65 -26.55 15.15
CA ALA A 154 -7.34 -25.87 16.39
C ALA A 154 -6.09 -25.01 16.26
N GLU A 155 -5.07 -25.56 15.61
CA GLU A 155 -3.92 -24.76 15.21
C GLU A 155 -4.37 -23.46 14.52
N LEU A 156 -5.36 -23.54 13.62
CA LEU A 156 -5.79 -22.30 12.97
C LEU A 156 -6.69 -21.42 13.85
N LEU A 157 -7.58 -22.01 14.67
CA LEU A 157 -8.58 -21.21 15.40
C LEU A 157 -8.26 -20.93 16.88
N MET A 158 -7.70 -21.91 17.61
CA MET A 158 -7.29 -21.71 18.99
C MET A 158 -5.92 -21.03 19.12
N LEU A 159 -5.03 -21.18 18.14
CA LEU A 159 -3.77 -20.44 18.12
C LEU A 159 -3.75 -19.30 17.12
N GLY A 160 -4.61 -19.27 16.13
CA GLY A 160 -4.52 -18.17 15.16
C GLY A 160 -3.32 -18.27 14.26
N GLN A 161 -2.82 -19.49 14.03
CA GLN A 161 -1.63 -19.70 13.19
C GLN A 161 -1.89 -19.26 11.76
N ASP A 162 -1.00 -18.45 11.20
CA ASP A 162 -1.20 -18.12 9.80
C ASP A 162 -0.58 -19.18 8.91
N PHE A 163 -0.97 -19.11 7.64
CA PHE A 163 -0.59 -20.14 6.70
C PHE A 163 -0.54 -19.52 5.33
N SER A 164 0.24 -20.14 4.47
CA SER A 164 0.48 -19.62 3.13
C SER A 164 -0.59 -20.13 2.19
N GLY A 165 -0.71 -19.46 1.04
CA GLY A 165 -1.59 -19.97 0.00
C GLY A 165 -1.24 -21.39 -0.42
N GLU A 166 0.06 -21.68 -0.53
CA GLU A 166 0.51 -23.04 -0.80
C GLU A 166 -0.14 -24.01 0.20
N GLN A 167 -0.10 -23.66 1.49
CA GLN A 167 -0.62 -24.56 2.51
C GLN A 167 -2.13 -24.68 2.40
N ALA A 168 -2.81 -23.57 2.07
CA ALA A 168 -4.25 -23.56 1.86
C ALA A 168 -4.66 -24.56 0.76
N ALA A 169 -3.91 -24.60 -0.32
CA ALA A 169 -4.20 -25.58 -1.39
C ALA A 169 -3.90 -27.01 -0.96
N ALA A 170 -2.79 -27.25 -0.24
CA ALA A 170 -2.51 -28.60 0.24
C ALA A 170 -3.65 -29.12 1.15
N TRP A 171 -4.22 -28.26 1.98
CA TRP A 171 -5.28 -28.65 2.90
C TRP A 171 -6.64 -28.66 2.23
N GLY A 172 -6.77 -28.14 1.01
CA GLY A 172 -8.04 -28.10 0.31
C GLY A 172 -8.93 -26.92 0.66
N LEU A 173 -8.45 -25.97 1.44
CA LEU A 173 -9.15 -24.69 1.49
C LEU A 173 -9.07 -23.91 0.17
N ALA A 174 -7.97 -23.98 -0.55
CA ALA A 174 -7.94 -23.45 -1.89
C ALA A 174 -7.91 -24.59 -2.89
N ASN A 175 -8.41 -24.33 -4.09
CA ASN A 175 -8.35 -25.35 -5.14
C ASN A 175 -6.97 -25.39 -5.80
N ALA A 176 -6.26 -24.26 -5.83
CA ALA A 176 -4.94 -24.19 -6.45
C ALA A 176 -4.18 -23.00 -5.89
N ALA A 177 -2.89 -23.18 -5.69
CA ALA A 177 -1.97 -22.11 -5.34
C ALA A 177 -1.17 -21.76 -6.60
N LEU A 178 -1.15 -20.49 -6.94
CA LEU A 178 -0.60 -20.04 -8.21
C LEU A 178 0.44 -18.96 -8.01
N GLU A 179 1.18 -18.70 -9.09
CA GLU A 179 2.03 -17.53 -9.19
C GLU A 179 1.32 -16.31 -8.63
N ASP A 180 1.96 -15.64 -7.69
CA ASP A 180 1.31 -14.50 -7.04
C ASP A 180 1.06 -13.36 -8.03
N GLY A 181 -0.06 -12.68 -7.84
CA GLY A 181 -0.35 -11.48 -8.59
C GLY A 181 -1.44 -11.70 -9.61
N ALA A 182 -1.29 -11.07 -10.76
CA ALA A 182 -2.31 -11.14 -11.80
C ALA A 182 -2.68 -12.57 -12.19
N THR A 183 -1.73 -13.50 -12.21
CA THR A 183 -2.07 -14.86 -12.63
C THR A 183 -3.27 -15.43 -11.86
N VAL A 184 -3.33 -15.14 -10.58
CA VAL A 184 -4.39 -15.69 -9.74
C VAL A 184 -5.74 -15.27 -10.28
N LEU A 185 -5.82 -13.98 -10.67
CA LEU A 185 -7.09 -13.49 -11.15
C LEU A 185 -7.40 -14.05 -12.54
N GLU A 186 -6.35 -14.18 -13.37
CA GLU A 186 -6.59 -14.68 -14.71
C GLU A 186 -7.09 -16.12 -14.68
N HIS A 187 -6.45 -16.93 -13.84
CA HIS A 187 -6.95 -18.30 -13.72
C HIS A 187 -8.35 -18.42 -13.13
N ALA A 188 -8.66 -17.56 -12.16
CA ALA A 188 -10.03 -17.54 -11.63
C ALA A 188 -11.04 -17.14 -12.71
N ARG A 189 -10.66 -16.21 -13.57
CA ARG A 189 -11.56 -15.83 -14.66
C ARG A 189 -11.79 -17.00 -15.63
N ASP A 190 -10.76 -17.83 -15.84
CA ASP A 190 -10.93 -18.98 -16.73
C ASP A 190 -11.85 -20.02 -16.12
N ALA A 191 -11.73 -20.24 -14.82
CA ALA A 191 -12.68 -21.10 -14.13
C ALA A 191 -14.10 -20.59 -14.30
N ALA A 192 -14.31 -19.27 -14.16
CA ALA A 192 -15.65 -18.72 -14.38
C ALA A 192 -16.11 -19.03 -15.79
N ARG A 193 -15.22 -18.89 -16.77
CA ARG A 193 -15.58 -19.18 -18.16
C ARG A 193 -15.94 -20.65 -18.35
N ARG A 194 -15.37 -21.55 -17.55
CA ARG A 194 -15.75 -22.95 -17.66
C ARG A 194 -17.19 -23.15 -17.23
N PHE A 195 -17.62 -22.42 -16.17
CA PHE A 195 -18.99 -22.54 -15.68
C PHE A 195 -19.97 -22.10 -16.75
N LEU A 196 -19.60 -21.05 -17.50
CA LEU A 196 -20.43 -20.58 -18.61
C LEU A 196 -20.73 -21.67 -19.65
N HIS A 197 -19.90 -22.69 -19.77
CA HIS A 197 -20.16 -23.75 -20.75
C HIS A 197 -21.13 -24.82 -20.26
N LEU A 198 -21.51 -24.80 -18.99
CA LEU A 198 -22.34 -25.83 -18.40
C LEU A 198 -23.78 -25.33 -18.26
N ALA A 199 -24.70 -26.28 -18.13
CA ALA A 199 -26.12 -25.98 -17.97
C ALA A 199 -26.34 -25.20 -16.67
N PRO A 200 -26.87 -23.96 -16.73
CA PRO A 200 -26.95 -23.17 -15.50
C PRO A 200 -27.67 -23.87 -14.36
N SER A 201 -28.69 -24.67 -14.66
CA SER A 201 -29.47 -25.26 -13.56
C SER A 201 -28.82 -26.55 -13.05
N ALA A 202 -28.05 -27.24 -13.87
CA ALA A 202 -27.33 -28.39 -13.34
C ALA A 202 -26.30 -27.92 -12.33
N VAL A 203 -25.61 -26.83 -12.64
CA VAL A 203 -24.59 -26.31 -11.73
C VAL A 203 -25.24 -25.85 -10.44
N VAL A 204 -26.29 -25.01 -10.57
CA VAL A 204 -26.97 -24.40 -9.44
C VAL A 204 -27.53 -25.49 -8.54
N GLU A 205 -28.16 -26.48 -9.16
CA GLU A 205 -28.74 -27.55 -8.38
C GLU A 205 -27.69 -28.46 -7.77
N SER A 206 -26.56 -28.68 -8.46
CA SER A 206 -25.50 -29.44 -7.81
C SER A 206 -25.03 -28.72 -6.56
N LYS A 207 -24.87 -27.41 -6.65
CA LYS A 207 -24.40 -26.65 -5.50
C LYS A 207 -25.42 -26.72 -4.37
N ARG A 208 -26.72 -26.68 -4.71
CA ARG A 208 -27.71 -26.80 -3.65
C ARG A 208 -27.65 -28.17 -2.99
N LEU A 209 -27.52 -29.24 -3.78
CA LEU A 209 -27.45 -30.55 -3.14
C LEU A 209 -26.21 -30.67 -2.26
N MET A 210 -25.11 -29.99 -2.64
CA MET A 210 -23.88 -30.05 -1.87
C MET A 210 -24.02 -29.31 -0.56
N LYS A 211 -24.84 -28.24 -0.52
CA LYS A 211 -24.99 -27.53 0.74
C LYS A 211 -26.17 -28.05 1.57
N ALA A 212 -27.11 -28.76 0.93
CA ALA A 212 -28.37 -29.07 1.62
C ALA A 212 -28.18 -29.83 2.92
N PRO A 213 -27.35 -30.86 3.00
CA PRO A 213 -27.26 -31.62 4.26
C PRO A 213 -26.67 -30.83 5.40
N PHE A 214 -26.02 -29.69 5.13
CA PHE A 214 -25.20 -28.96 6.10
C PHE A 214 -25.79 -27.60 6.47
N ILE A 215 -26.71 -27.06 5.65
CA ILE A 215 -27.01 -25.63 5.72
C ILE A 215 -27.76 -25.28 7.00
N GLU A 216 -28.63 -26.16 7.49
CA GLU A 216 -29.38 -25.80 8.70
C GLU A 216 -28.43 -25.73 9.90
N GLU A 217 -27.57 -26.74 10.06
CA GLU A 217 -26.56 -26.70 11.12
C GLU A 217 -25.67 -25.46 10.98
N LEU A 218 -25.19 -25.21 9.75
CA LEU A 218 -24.40 -24.01 9.50
C LEU A 218 -25.14 -22.74 9.87
N ARG A 219 -26.43 -22.63 9.50
CA ARG A 219 -27.20 -21.45 9.89
C ARG A 219 -27.21 -21.30 11.41
N ARG A 220 -27.38 -22.43 12.12
CA ARG A 220 -27.47 -22.38 13.59
C ARG A 220 -26.10 -22.13 14.21
N VAL A 221 -25.04 -22.72 13.66
CA VAL A 221 -23.71 -22.41 14.18
C VAL A 221 -23.39 -20.93 13.99
N ILE A 222 -23.66 -20.39 12.80
CA ILE A 222 -23.36 -18.97 12.58
C ILE A 222 -24.10 -18.10 13.62
N ALA A 223 -25.31 -18.52 14.02
CA ALA A 223 -26.04 -17.76 15.05
C ALA A 223 -25.39 -17.89 16.42
N GLU A 224 -24.99 -19.10 16.84
CA GLU A 224 -24.32 -19.19 18.14
C GLU A 224 -23.00 -18.40 18.12
N GLU A 225 -22.15 -18.63 17.10
CA GLU A 225 -20.88 -17.91 17.01
C GLU A 225 -21.10 -16.40 17.11
N GLY A 226 -22.14 -15.90 16.44
CA GLY A 226 -22.34 -14.47 16.33
C GLY A 226 -22.74 -13.86 17.67
N ASP A 227 -23.47 -14.60 18.48
CA ASP A 227 -23.84 -14.13 19.81
C ASP A 227 -22.60 -14.07 20.71
N ILE A 228 -21.81 -15.15 20.74
CA ILE A 228 -20.52 -15.11 21.44
C ILE A 228 -19.67 -13.95 20.94
N PHE A 229 -19.56 -13.79 19.62
CA PHE A 229 -18.65 -12.80 19.03
C PHE A 229 -19.09 -11.38 19.39
N SER A 230 -20.37 -11.11 19.21
CA SER A 230 -20.94 -9.83 19.58
C SER A 230 -20.69 -9.54 21.06
N THR A 231 -20.92 -10.51 21.92
CA THR A 231 -20.69 -10.25 23.33
C THR A 231 -19.23 -9.91 23.58
N ARG A 232 -18.31 -10.68 22.95
CA ARG A 232 -16.88 -10.49 23.21
C ARG A 232 -16.41 -9.17 22.69
N LEU A 233 -17.03 -8.67 21.62
CA LEU A 233 -16.56 -7.39 21.12
C LEU A 233 -16.79 -6.24 22.12
N ARG A 234 -17.78 -6.42 22.97
CA ARG A 234 -18.17 -5.41 23.94
C ARG A 234 -17.49 -5.63 25.28
N SER A 235 -16.65 -6.76 25.40
CA SER A 235 -15.95 -7.01 26.61
C SER A 235 -14.52 -6.41 26.60
N PRO A 236 -14.00 -6.23 27.82
CA PRO A 236 -12.64 -5.60 27.93
C PRO A 236 -11.52 -6.34 27.21
N GLU A 237 -11.55 -7.69 27.32
CA GLU A 237 -10.47 -8.48 26.72
C GLU A 237 -10.22 -8.09 25.24
N ALA A 238 -11.29 -8.20 24.46
CA ALA A 238 -11.22 -7.80 23.07
C ALA A 238 -11.02 -6.31 22.89
N ILE A 239 -11.75 -5.46 23.61
CA ILE A 239 -11.50 -4.03 23.44
C ILE A 239 -10.02 -3.73 23.61
N GLU A 240 -9.38 -4.34 24.60
CA GLU A 240 -7.96 -4.09 24.85
C GLU A 240 -7.10 -4.59 23.68
N ALA A 241 -7.28 -5.85 23.27
CA ALA A 241 -6.50 -6.40 22.15
C ALA A 241 -6.74 -5.63 20.86
N LEU A 242 -7.96 -5.15 20.64
CA LEU A 242 -8.31 -4.48 19.39
C LEU A 242 -7.66 -3.11 19.29
N SER A 243 -7.77 -2.30 20.35
CA SER A 243 -7.17 -0.98 20.33
C SER A 243 -5.66 -1.09 20.47
N ALA A 244 -5.17 -2.24 20.91
CA ALA A 244 -3.74 -2.50 20.93
C ALA A 244 -3.19 -2.66 19.52
N PHE A 245 -3.96 -3.30 18.61
CA PHE A 245 -3.54 -3.42 17.21
C PHE A 245 -3.43 -2.06 16.53
N MET A 246 -4.49 -1.26 16.52
CA MET A 246 -4.27 0.17 16.39
C MET A 246 -3.25 0.57 17.46
N HIS A 247 -2.47 1.62 17.22
CA HIS A 247 -1.42 2.00 18.18
C HIS A 247 -0.37 0.90 18.37
N ARG A 248 -0.15 0.08 17.35
CA ARG A 248 0.81 -1.03 17.41
C ARG A 248 2.21 -0.54 17.73
N SER B 2 5.21 16.23 -21.24
CA SER B 2 6.29 15.24 -21.31
C SER B 2 7.65 15.94 -21.41
N GLU B 3 7.61 17.28 -21.39
CA GLU B 3 8.79 18.08 -21.69
C GLU B 3 9.84 17.95 -20.58
N LEU B 4 9.43 18.16 -19.32
CA LEU B 4 10.36 18.48 -18.26
C LEU B 4 10.74 17.29 -17.38
N ILE B 5 9.93 16.23 -17.37
CA ILE B 5 10.22 14.98 -16.67
C ILE B 5 10.11 13.83 -17.68
N ARG B 6 11.21 13.09 -17.87
CA ARG B 6 11.19 11.87 -18.68
C ARG B 6 10.92 10.66 -17.80
N VAL B 7 9.95 9.82 -18.21
CA VAL B 7 9.70 8.53 -17.56
C VAL B 7 10.04 7.44 -18.55
N GLU B 8 11.02 6.61 -18.21
CA GLU B 8 11.52 5.53 -19.07
C GLU B 8 11.30 4.20 -18.37
N ARG B 9 10.32 3.44 -18.87
CA ARG B 9 10.08 2.10 -18.39
C ARG B 9 11.01 1.14 -19.11
N GLU B 10 11.89 0.48 -18.34
CA GLU B 10 12.82 -0.51 -18.85
C GLU B 10 12.55 -1.83 -18.16
N THR B 11 13.57 -2.68 -18.10
CA THR B 11 13.43 -4.06 -17.60
C THR B 11 13.17 -4.03 -16.09
N GLY B 12 11.89 -3.85 -15.74
CA GLY B 12 11.49 -3.73 -14.33
C GLY B 12 11.96 -2.45 -13.63
N LEU B 13 12.48 -1.50 -14.38
CA LEU B 13 13.10 -0.31 -13.82
C LEU B 13 12.47 0.94 -14.43
N LEU B 14 11.88 1.76 -13.59
CA LEU B 14 11.30 3.03 -14.01
C LEU B 14 12.27 4.15 -13.65
N THR B 15 12.66 4.94 -14.64
CA THR B 15 13.58 6.05 -14.43
C THR B 15 12.85 7.37 -14.60
N LEU B 16 12.89 8.22 -13.57
CA LEU B 16 12.41 9.60 -13.65
C LEU B 16 13.61 10.52 -13.80
N ARG B 17 13.67 11.22 -14.92
CA ARG B 17 14.84 12.00 -15.29
C ARG B 17 14.44 13.47 -15.42
N LEU B 18 14.78 14.26 -14.42
CA LEU B 18 14.59 15.70 -14.48
C LEU B 18 15.27 16.26 -15.71
N ASP B 19 14.49 16.94 -16.58
CA ASP B 19 15.01 17.47 -17.85
C ASP B 19 14.66 18.94 -18.04
N ARG B 20 15.38 19.82 -17.33
CA ARG B 20 15.19 21.28 -17.41
C ARG B 20 16.56 21.95 -17.22
N GLN B 21 17.48 21.68 -18.14
CA GLN B 21 18.89 21.98 -17.90
C GLN B 21 19.14 23.48 -17.73
N ASP B 22 18.57 24.30 -18.57
CA ASP B 22 18.91 25.71 -18.48
C ASP B 22 18.43 26.34 -17.18
N LYS B 23 17.56 25.67 -16.41
CA LYS B 23 17.15 26.14 -15.10
C LYS B 23 17.69 25.25 -13.97
N LYS B 24 18.74 24.47 -14.23
CA LYS B 24 19.34 23.62 -13.20
C LYS B 24 18.32 22.66 -12.59
N ASN B 25 17.37 22.21 -13.42
CA ASN B 25 16.34 21.25 -13.04
C ASN B 25 15.48 21.74 -11.88
N ALA B 26 15.35 23.08 -11.76
CA ALA B 26 14.43 23.66 -10.78
C ALA B 26 13.03 23.11 -10.94
N LEU B 27 12.42 22.71 -9.84
CA LEU B 27 11.19 21.92 -9.89
C LEU B 27 9.95 22.82 -9.91
N THR B 28 9.29 22.90 -11.07
CA THR B 28 8.01 23.57 -11.22
C THR B 28 6.84 22.70 -10.73
N ARG B 29 5.65 23.35 -10.60
CA ARG B 29 4.49 22.58 -10.13
C ARG B 29 4.16 21.37 -11.03
N ALA B 30 4.32 21.56 -12.34
CA ALA B 30 4.02 20.49 -13.28
C ALA B 30 4.99 19.31 -13.09
N MET B 31 6.26 19.60 -12.78
CA MET B 31 7.25 18.54 -12.54
C MET B 31 6.89 17.73 -11.32
N TYR B 32 6.55 18.40 -10.22
CA TYR B 32 6.13 17.70 -9.02
C TYR B 32 4.93 16.81 -9.29
N SER B 33 3.97 17.33 -10.07
CA SER B 33 2.77 16.55 -10.39
C SER B 33 3.13 15.34 -11.26
N ARG B 34 4.00 15.52 -12.27
CA ARG B 34 4.35 14.38 -13.11
C ARG B 34 5.05 13.29 -12.29
N MET B 35 5.87 13.70 -11.31
CA MET B 35 6.57 12.71 -10.49
C MET B 35 5.66 12.05 -9.46
N ALA B 36 4.75 12.80 -8.84
CA ALA B 36 3.84 12.14 -7.91
C ALA B 36 3.00 11.12 -8.67
N GLU B 37 2.58 11.46 -9.89
CA GLU B 37 1.78 10.57 -10.70
C GLU B 37 2.59 9.35 -11.13
N ALA B 38 3.81 9.57 -11.65
CA ALA B 38 4.64 8.45 -12.08
C ALA B 38 4.92 7.48 -10.94
N LEU B 39 5.04 7.98 -9.72
CA LEU B 39 5.27 7.12 -8.56
C LEU B 39 4.01 6.31 -8.21
N LEU B 40 2.85 6.97 -8.10
CA LEU B 40 1.62 6.28 -7.66
C LEU B 40 1.18 5.23 -8.68
N GLU B 41 1.55 5.42 -9.95
CA GLU B 41 1.31 4.38 -10.95
C GLU B 41 2.26 3.21 -10.72
N ALA B 42 3.58 3.47 -10.78
CA ALA B 42 4.61 2.45 -10.53
C ALA B 42 4.29 1.62 -9.29
N GLN B 43 3.87 2.29 -8.22
CA GLN B 43 3.49 1.62 -6.97
C GLN B 43 2.50 0.50 -7.22
N ALA B 44 1.62 0.65 -8.20
CA ALA B 44 0.59 -0.34 -8.47
C ALA B 44 0.93 -1.21 -9.66
N ASP B 45 1.95 -0.84 -10.43
CA ASP B 45 2.32 -1.59 -11.61
C ASP B 45 3.36 -2.65 -11.25
N THR B 46 2.92 -3.92 -11.28
CA THR B 46 3.77 -5.05 -11.00
C THR B 46 4.95 -5.15 -11.96
N ALA B 47 4.83 -4.60 -13.16
CA ALA B 47 6.00 -4.60 -14.03
C ALA B 47 7.13 -3.76 -13.47
N VAL B 48 6.84 -2.84 -12.53
CA VAL B 48 7.88 -1.97 -12.01
C VAL B 48 8.32 -2.49 -10.64
N ARG B 49 9.62 -2.74 -10.53
CA ARG B 49 10.28 -3.25 -9.34
C ARG B 49 11.05 -2.17 -8.60
N VAL B 50 11.65 -1.26 -9.35
CA VAL B 50 12.60 -0.28 -8.83
C VAL B 50 12.39 1.04 -9.58
N VAL B 51 12.52 2.16 -8.87
CA VAL B 51 12.52 3.48 -9.49
C VAL B 51 13.87 4.15 -9.32
N LEU B 52 14.33 4.82 -10.37
CA LEU B 52 15.55 5.62 -10.32
C LEU B 52 15.24 7.09 -10.59
N ILE B 53 15.79 7.95 -9.74
CA ILE B 53 15.63 9.40 -9.89
C ILE B 53 16.98 10.02 -10.18
N THR B 54 17.04 10.83 -11.22
CA THR B 54 18.29 11.46 -11.57
C THR B 54 17.99 12.68 -12.41
N GLY B 55 18.87 13.66 -12.32
CA GLY B 55 18.87 14.77 -13.22
C GLY B 55 19.85 14.66 -14.36
N GLY B 56 20.59 13.55 -14.46
CA GLY B 56 21.57 13.33 -15.51
C GLY B 56 23.00 13.41 -15.00
N ASP B 57 23.93 13.54 -15.95
CA ASP B 57 25.35 13.45 -15.67
C ASP B 57 25.90 14.70 -15.00
N ALA B 58 25.25 15.85 -15.12
CA ALA B 58 25.82 17.08 -14.61
C ALA B 58 25.00 17.80 -13.54
N CYS B 59 23.70 17.53 -13.44
CA CYS B 59 22.87 18.32 -12.53
C CYS B 59 21.80 17.42 -11.98
N PHE B 60 21.56 17.51 -10.66
CA PHE B 60 20.45 16.78 -10.05
C PHE B 60 19.24 17.71 -10.00
N THR B 61 19.14 18.60 -8.99
CA THR B 61 18.15 19.69 -9.08
C THR B 61 18.55 20.81 -8.13
N SER B 62 18.27 22.05 -8.53
CA SER B 62 18.45 23.20 -7.63
C SER B 62 17.27 23.40 -6.68
N GLY B 63 16.35 22.47 -6.59
CA GLY B 63 15.25 22.59 -5.65
C GLY B 63 14.06 23.29 -6.28
N ASN B 64 13.12 23.69 -5.42
CA ASN B 64 11.90 24.35 -5.88
C ASN B 64 12.20 25.48 -6.86
N ASP B 65 11.39 25.58 -7.90
CA ASP B 65 11.43 26.79 -8.70
C ASP B 65 11.09 27.96 -7.79
N ILE B 66 12.00 28.92 -7.66
CA ILE B 66 11.74 29.98 -6.67
C ILE B 66 10.65 30.95 -7.15
N LEU B 67 10.50 31.10 -8.46
CA LEU B 67 9.41 31.86 -9.03
C LEU B 67 8.05 31.33 -8.58
N ASP B 68 7.86 30.00 -8.60
CA ASP B 68 6.59 29.47 -8.10
C ASP B 68 6.36 29.83 -6.65
N PHE B 69 7.43 29.79 -5.85
CA PHE B 69 7.36 30.15 -4.43
C PHE B 69 6.89 31.59 -4.26
N LEU B 70 7.46 32.49 -5.05
CA LEU B 70 7.14 33.91 -4.97
C LEU B 70 5.74 34.22 -5.50
N GLU B 71 5.34 33.57 -6.59
CA GLU B 71 4.10 33.95 -7.26
C GLU B 71 2.90 33.28 -6.63
N GLN B 72 2.99 31.98 -6.38
CA GLN B 72 1.89 31.23 -5.76
C GLN B 72 2.45 30.39 -4.62
N PRO B 73 2.55 30.96 -3.41
CA PRO B 73 3.03 30.19 -2.24
C PRO B 73 2.12 29.02 -1.93
N PRO B 74 2.60 27.78 -2.13
CA PRO B 74 1.80 26.62 -1.76
C PRO B 74 1.61 26.48 -0.26
N SER B 75 0.45 25.92 0.11
CA SER B 75 0.29 25.18 1.37
C SER B 75 0.91 23.80 1.12
N LEU B 76 2.01 23.48 1.80
CA LEU B 76 2.75 22.29 1.41
C LEU B 76 1.83 21.07 1.39
N ARG B 77 1.00 20.87 2.41
CA ARG B 77 0.13 19.69 2.41
C ARG B 77 -0.60 19.55 1.06
N ASP B 78 -1.34 20.57 0.67
CA ASP B 78 -2.31 20.49 -0.41
C ASP B 78 -1.76 21.30 -1.57
N SER B 79 -0.90 20.65 -2.38
CA SER B 79 -0.17 21.28 -3.47
C SER B 79 0.59 20.19 -4.22
N PRO B 80 1.08 20.50 -5.43
CA PRO B 80 1.93 19.52 -6.14
C PRO B 80 3.17 19.08 -5.35
N VAL B 81 3.88 20.01 -4.71
CA VAL B 81 5.05 19.58 -3.96
C VAL B 81 4.64 18.68 -2.78
N GLY B 82 3.55 19.02 -2.10
CA GLY B 82 3.07 18.15 -1.04
C GLY B 82 2.68 16.78 -1.53
N ARG B 83 2.15 16.68 -2.77
CA ARG B 83 1.78 15.39 -3.32
C ARG B 83 3.01 14.60 -3.75
N PHE B 84 4.02 15.27 -4.31
CA PHE B 84 5.28 14.58 -4.59
C PHE B 84 5.88 14.05 -3.29
N MET B 85 5.95 14.88 -2.26
CA MET B 85 6.54 14.43 -1.00
C MET B 85 5.82 13.21 -0.45
N SER B 86 4.49 13.29 -0.41
CA SER B 86 3.70 12.18 0.11
C SER B 86 3.97 10.93 -0.69
N ALA B 87 3.99 11.08 -2.02
CA ALA B 87 4.14 9.92 -2.90
C ALA B 87 5.46 9.20 -2.67
N LEU B 88 6.55 9.96 -2.61
CA LEU B 88 7.85 9.33 -2.37
C LEU B 88 7.93 8.76 -0.95
N LEU B 89 7.51 9.54 0.05
CA LEU B 89 7.55 9.08 1.43
C LEU B 89 6.84 7.73 1.59
N GLU B 90 5.70 7.56 0.92
CA GLU B 90 4.92 6.33 1.06
C GLU B 90 5.23 5.31 -0.04
N PHE B 91 6.11 5.62 -0.97
CA PHE B 91 6.41 4.68 -2.03
C PHE B 91 6.91 3.37 -1.41
N PRO B 92 6.26 2.23 -1.66
CA PRO B 92 6.65 0.99 -0.97
C PRO B 92 7.75 0.17 -1.64
N LYS B 93 8.17 0.50 -2.83
CA LYS B 93 9.23 -0.25 -3.52
C LYS B 93 10.55 0.52 -3.51
N PRO B 94 11.64 -0.14 -3.90
CA PRO B 94 12.96 0.52 -3.84
C PRO B 94 13.02 1.78 -4.71
N VAL B 95 13.55 2.85 -4.12
CA VAL B 95 13.84 4.07 -4.86
C VAL B 95 15.34 4.39 -4.76
N ILE B 96 15.99 4.65 -5.90
CA ILE B 96 17.41 4.99 -5.96
C ILE B 96 17.56 6.37 -6.59
N ALA B 97 18.42 7.19 -5.98
CA ALA B 97 18.83 8.48 -6.53
C ALA B 97 20.24 8.39 -7.10
N ALA B 98 20.45 9.07 -8.21
CA ALA B 98 21.76 9.19 -8.84
C ALA B 98 21.99 10.67 -9.05
N VAL B 99 22.92 11.22 -8.30
CA VAL B 99 23.02 12.66 -8.11
C VAL B 99 24.35 13.12 -8.67
N ASN B 100 24.32 14.12 -9.57
CA ASN B 100 25.51 14.87 -10.00
C ASN B 100 25.25 16.36 -9.84
N GLY B 101 26.31 17.11 -9.59
CA GLY B 101 26.20 18.54 -9.61
C GLY B 101 25.36 19.05 -8.44
N PRO B 102 24.54 20.06 -8.65
CA PRO B 102 23.75 20.60 -7.52
C PRO B 102 22.62 19.68 -7.14
N ALA B 103 22.42 19.58 -5.83
CA ALA B 103 21.27 18.95 -5.17
C ALA B 103 20.91 19.87 -4.00
N VAL B 104 19.94 20.76 -4.20
CA VAL B 104 19.71 21.87 -3.29
C VAL B 104 18.28 21.83 -2.77
N GLY B 105 18.12 22.11 -1.49
CA GLY B 105 16.81 22.20 -0.90
C GLY B 105 16.16 20.84 -0.91
N ILE B 106 14.99 20.73 -1.55
CA ILE B 106 14.37 19.42 -1.67
C ILE B 106 15.26 18.50 -2.52
N GLY B 107 16.26 19.06 -3.23
CA GLY B 107 17.21 18.22 -3.96
C GLY B 107 18.02 17.34 -3.01
N THR B 108 18.31 17.85 -1.81
CA THR B 108 18.96 17.01 -0.81
C THR B 108 17.94 16.29 0.06
N THR B 109 16.87 16.98 0.52
CA THR B 109 16.01 16.34 1.50
C THR B 109 15.33 15.13 0.89
N LEU B 110 15.09 15.10 -0.42
CA LEU B 110 14.37 13.96 -0.98
C LEU B 110 15.21 12.73 -0.91
N LEU B 111 16.54 12.92 -0.91
CA LEU B 111 17.49 11.82 -0.74
C LEU B 111 17.27 11.09 0.58
N LEU B 112 16.72 11.80 1.57
CA LEU B 112 16.44 11.16 2.85
C LEU B 112 15.33 10.13 2.75
N HIS B 113 14.60 10.08 1.64
CA HIS B 113 13.52 9.12 1.49
C HIS B 113 13.82 8.09 0.40
N CYS B 114 15.05 8.05 -0.09
CA CYS B 114 15.43 7.07 -1.07
C CYS B 114 16.05 5.88 -0.34
N ASP B 115 15.96 4.71 -0.95
CA ASP B 115 16.60 3.57 -0.29
C ASP B 115 18.08 3.45 -0.57
N LEU B 116 18.53 3.91 -1.72
CA LEU B 116 19.95 4.02 -2.01
C LEU B 116 20.19 5.37 -2.66
N VAL B 117 21.34 5.96 -2.37
CA VAL B 117 21.71 7.29 -2.86
C VAL B 117 23.14 7.21 -3.35
N PHE B 118 23.33 7.45 -4.63
CA PHE B 118 24.67 7.53 -5.23
C PHE B 118 24.91 8.93 -5.76
N VAL B 119 26.13 9.44 -5.51
CA VAL B 119 26.44 10.82 -5.82
C VAL B 119 27.81 10.88 -6.46
N GLY B 120 27.97 11.82 -7.39
CA GLY B 120 29.31 12.22 -7.78
C GLY B 120 30.06 12.77 -6.59
N ARG B 121 31.34 12.41 -6.50
CA ARG B 121 32.21 12.89 -5.44
C ARG B 121 32.18 14.40 -5.31
N ASN B 122 32.04 15.11 -6.43
CA ASN B 122 32.06 16.56 -6.39
C ASN B 122 30.65 17.17 -6.53
N ALA B 123 29.62 16.38 -6.33
CA ALA B 123 28.30 17.00 -6.32
C ALA B 123 28.25 18.04 -5.22
N ARG B 124 27.28 18.92 -5.29
CA ARG B 124 27.16 20.00 -4.31
C ARG B 124 25.76 19.98 -3.69
N LEU B 125 25.69 19.59 -2.42
CA LEU B 125 24.45 19.46 -1.67
C LEU B 125 24.32 20.62 -0.70
N LYS B 126 23.12 21.21 -0.64
CA LYS B 126 22.87 22.04 0.51
C LYS B 126 21.38 22.24 0.72
N MET B 127 21.07 22.74 1.91
CA MET B 127 19.69 22.96 2.35
C MET B 127 19.67 24.43 2.76
N PRO B 128 19.47 25.33 1.80
CA PRO B 128 19.69 26.76 2.08
C PRO B 128 18.45 27.44 2.69
N PHE B 129 17.55 26.66 3.31
CA PHE B 129 16.26 27.20 3.73
C PHE B 129 16.44 28.46 4.55
N VAL B 130 17.24 28.37 5.61
CA VAL B 130 17.51 29.50 6.49
C VAL B 130 18.08 30.69 5.73
N ASN B 131 18.97 30.44 4.75
CA ASN B 131 19.50 31.55 3.99
C ASN B 131 18.39 32.31 3.26
N LEU B 132 17.25 31.67 3.03
CA LEU B 132 16.14 32.23 2.29
C LEU B 132 14.99 32.65 3.20
N GLY B 133 15.24 32.78 4.50
CA GLY B 133 14.20 33.10 5.44
C GLY B 133 13.21 31.99 5.64
N LEU B 134 13.58 30.77 5.26
CA LEU B 134 12.74 29.61 5.34
C LEU B 134 13.28 28.62 6.39
N THR B 135 12.65 27.46 6.48
CA THR B 135 12.87 26.53 7.57
C THR B 135 12.92 25.12 6.96
N PRO B 136 13.32 24.11 7.71
CA PRO B 136 13.53 22.78 7.11
C PRO B 136 12.23 22.18 6.59
N GLU B 137 12.37 21.27 5.62
CA GLU B 137 11.26 20.67 4.90
C GLU B 137 11.50 19.16 4.81
N PHE B 138 10.47 18.45 4.31
CA PHE B 138 10.51 17.01 3.99
C PHE B 138 11.00 16.15 5.16
N GLY B 139 10.76 16.58 6.38
CA GLY B 139 11.14 15.80 7.55
C GLY B 139 12.61 15.84 7.97
N SER B 140 13.39 16.70 7.34
CA SER B 140 14.81 16.80 7.63
C SER B 140 15.07 17.30 9.02
N SER B 141 14.08 17.99 9.66
CA SER B 141 14.26 18.46 11.02
C SER B 141 14.20 17.29 11.99
N LEU B 142 13.62 16.19 11.56
CA LEU B 142 13.68 14.96 12.32
C LEU B 142 14.80 14.01 11.87
N ILE B 143 14.88 13.71 10.58
CA ILE B 143 15.80 12.68 10.10
C ILE B 143 17.24 13.09 10.34
N LEU B 144 17.58 14.35 10.09
CA LEU B 144 19.00 14.69 10.15
C LEU B 144 19.56 14.70 11.57
N PRO B 145 18.85 15.23 12.58
CA PRO B 145 19.41 15.13 13.93
C PRO B 145 19.47 13.69 14.39
N ARG B 146 18.55 12.83 13.95
CA ARG B 146 18.60 11.43 14.35
C ARG B 146 19.79 10.70 13.74
N MET B 147 20.07 10.96 12.47
CA MET B 147 21.18 10.32 11.77
C MET B 147 22.53 10.86 12.21
N LEU B 148 22.62 12.17 12.40
CA LEU B 148 23.91 12.83 12.54
C LEU B 148 24.14 13.43 13.91
N GLY B 149 23.15 13.47 14.79
CA GLY B 149 23.19 14.25 16.00
C GLY B 149 22.92 15.74 15.77
N HIS B 150 22.62 16.45 16.84
CA HIS B 150 22.14 17.81 16.65
C HIS B 150 23.17 18.71 15.99
N ALA B 151 24.38 18.74 16.54
CA ALA B 151 25.32 19.78 16.15
C ALA B 151 25.66 19.65 14.69
N LYS B 152 25.92 18.43 14.24
CA LYS B 152 26.23 18.23 12.83
C LYS B 152 25.03 18.54 11.94
N ALA B 153 23.80 18.13 12.36
CA ALA B 153 22.59 18.51 11.63
C ALA B 153 22.41 20.02 11.59
N ALA B 154 22.84 20.70 12.65
CA ALA B 154 22.62 22.14 12.78
C ALA B 154 23.51 22.91 11.82
N GLU B 155 24.75 22.44 11.65
CA GLU B 155 25.60 22.98 10.60
C GLU B 155 24.88 22.94 9.25
N LEU B 156 24.16 21.85 8.96
CA LEU B 156 23.47 21.81 7.67
C LEU B 156 22.18 22.64 7.66
N LEU B 157 21.37 22.58 8.73
CA LEU B 157 20.05 23.21 8.71
C LEU B 157 19.98 24.62 9.30
N MET B 158 20.69 24.93 10.39
CA MET B 158 20.70 26.28 10.91
C MET B 158 21.72 27.21 10.22
N LEU B 159 22.78 26.67 9.64
CA LEU B 159 23.73 27.48 8.87
C LEU B 159 23.57 27.32 7.36
N GLY B 160 22.96 26.24 6.89
CA GLY B 160 22.84 26.11 5.45
C GLY B 160 24.15 25.72 4.80
N GLN B 161 25.04 25.10 5.56
CA GLN B 161 26.35 24.75 5.05
C GLN B 161 26.21 23.78 3.90
N ASP B 162 26.94 24.02 2.82
CA ASP B 162 26.93 23.04 1.74
C ASP B 162 28.05 22.02 1.94
N PHE B 163 27.91 20.90 1.23
CA PHE B 163 28.79 19.76 1.44
C PHE B 163 28.88 19.04 0.12
N SER B 164 29.97 18.33 -0.06
CA SER B 164 30.24 17.58 -1.26
C SER B 164 29.59 16.19 -1.21
N GLY B 165 29.47 15.57 -2.39
CA GLY B 165 29.07 14.18 -2.44
C GLY B 165 29.97 13.26 -1.62
N GLU B 166 31.27 13.55 -1.63
CA GLU B 166 32.21 12.76 -0.82
C GLU B 166 31.81 12.85 0.66
N GLN B 167 31.47 14.06 1.12
CA GLN B 167 31.06 14.25 2.49
C GLN B 167 29.72 13.57 2.75
N ALA B 168 28.81 13.62 1.78
CA ALA B 168 27.51 12.97 1.90
C ALA B 168 27.67 11.47 2.18
N ALA B 169 28.58 10.83 1.48
CA ALA B 169 28.82 9.40 1.67
C ALA B 169 29.53 9.13 2.99
N ALA B 170 30.49 10.00 3.38
CA ALA B 170 31.14 9.81 4.67
C ALA B 170 30.11 9.85 5.80
N TRP B 171 29.11 10.74 5.69
CA TRP B 171 28.12 10.89 6.74
C TRP B 171 27.01 9.87 6.65
N GLY B 172 26.94 9.12 5.56
CA GLY B 172 25.88 8.14 5.35
C GLY B 172 24.59 8.68 4.72
N LEU B 173 24.52 9.95 4.35
CA LEU B 173 23.44 10.36 3.47
C LEU B 173 23.52 9.73 2.06
N ALA B 174 24.72 9.52 1.54
CA ALA B 174 24.90 8.74 0.33
C ALA B 174 25.54 7.39 0.65
N ASN B 175 25.20 6.39 -0.16
CA ASN B 175 25.78 5.07 0.05
C ASN B 175 27.18 5.02 -0.59
N ALA B 176 27.42 5.80 -1.63
CA ALA B 176 28.73 5.81 -2.26
C ALA B 176 28.92 7.10 -3.02
N ALA B 177 30.15 7.63 -2.99
CA ALA B 177 30.59 8.77 -3.78
C ALA B 177 31.45 8.23 -4.91
N LEU B 178 31.14 8.63 -6.14
CA LEU B 178 31.74 8.02 -7.33
C LEU B 178 32.26 9.10 -8.26
N GLU B 179 32.98 8.64 -9.28
CA GLU B 179 33.41 9.57 -10.33
C GLU B 179 32.22 10.31 -10.90
N ASP B 180 32.34 11.63 -10.98
CA ASP B 180 31.24 12.47 -11.43
C ASP B 180 30.84 12.15 -12.87
N GLY B 181 29.56 12.29 -13.15
CA GLY B 181 29.07 12.09 -14.49
C GLY B 181 28.36 10.77 -14.70
N ALA B 182 28.54 10.19 -15.87
CA ALA B 182 27.76 9.01 -16.21
C ALA B 182 28.02 7.85 -15.26
N THR B 183 29.22 7.76 -14.68
CA THR B 183 29.47 6.66 -13.76
C THR B 183 28.41 6.56 -12.66
N VAL B 184 28.01 7.71 -12.11
CA VAL B 184 27.04 7.71 -11.02
C VAL B 184 25.77 6.98 -11.43
N LEU B 185 25.27 7.28 -12.62
CA LEU B 185 24.04 6.67 -13.07
C LEU B 185 24.24 5.19 -13.40
N GLU B 186 25.39 4.84 -13.97
CA GLU B 186 25.64 3.44 -14.31
C GLU B 186 25.66 2.59 -13.03
N HIS B 187 26.38 3.06 -12.01
CA HIS B 187 26.39 2.36 -10.74
C HIS B 187 24.99 2.26 -10.14
N ALA B 188 24.18 3.32 -10.24
CA ALA B 188 22.82 3.27 -9.71
C ALA B 188 21.96 2.28 -10.48
N ARG B 189 22.17 2.17 -11.80
CA ARG B 189 21.44 1.18 -12.58
C ARG B 189 21.81 -0.23 -12.13
N ASP B 190 23.11 -0.46 -11.83
CA ASP B 190 23.56 -1.78 -11.36
C ASP B 190 22.93 -2.16 -10.02
N ALA B 191 22.82 -1.19 -9.10
CA ALA B 191 22.11 -1.41 -7.84
C ALA B 191 20.68 -1.85 -8.12
N ALA B 192 19.99 -1.15 -9.02
CA ALA B 192 18.63 -1.55 -9.37
C ALA B 192 18.59 -2.98 -9.89
N ARG B 193 19.56 -3.36 -10.72
CA ARG B 193 19.57 -4.74 -11.23
C ARG B 193 19.77 -5.75 -10.08
N ARG B 194 20.49 -5.37 -9.03
CA ARG B 194 20.65 -6.28 -7.91
C ARG B 194 19.31 -6.55 -7.24
N PHE B 195 18.45 -5.51 -7.19
CA PHE B 195 17.13 -5.64 -6.59
C PHE B 195 16.28 -6.60 -7.38
N LEU B 196 16.35 -6.52 -8.71
CA LEU B 196 15.66 -7.46 -9.59
C LEU B 196 15.90 -8.91 -9.22
N HIS B 197 17.11 -9.25 -8.76
CA HIS B 197 17.41 -10.64 -8.44
C HIS B 197 16.79 -11.10 -7.13
N LEU B 198 16.25 -10.18 -6.32
CA LEU B 198 15.76 -10.54 -5.00
C LEU B 198 14.24 -10.76 -5.01
N ALA B 199 13.78 -11.57 -4.07
CA ALA B 199 12.34 -11.82 -3.92
C ALA B 199 11.62 -10.49 -3.72
N PRO B 200 10.67 -10.13 -4.57
CA PRO B 200 10.13 -8.76 -4.50
C PRO B 200 9.39 -8.47 -3.21
N SER B 201 8.70 -9.44 -2.62
CA SER B 201 7.96 -9.13 -1.40
C SER B 201 8.91 -9.08 -0.20
N ALA B 202 10.02 -9.80 -0.26
CA ALA B 202 10.98 -9.70 0.85
C ALA B 202 11.59 -8.30 0.88
N VAL B 203 11.91 -7.74 -0.29
CA VAL B 203 12.49 -6.41 -0.32
C VAL B 203 11.47 -5.39 0.19
N VAL B 204 10.24 -5.48 -0.33
CA VAL B 204 9.18 -4.53 -0.01
C VAL B 204 8.83 -4.58 1.46
N GLU B 205 8.66 -5.79 1.99
CA GLU B 205 8.37 -5.97 3.40
C GLU B 205 9.55 -5.52 4.29
N SER B 206 10.80 -5.80 3.88
CA SER B 206 11.94 -5.25 4.63
C SER B 206 11.88 -3.73 4.71
N LYS B 207 11.63 -3.07 3.57
CA LYS B 207 11.53 -1.62 3.59
C LYS B 207 10.39 -1.16 4.49
N ARG B 208 9.27 -1.90 4.52
CA ARG B 208 8.16 -1.45 5.37
C ARG B 208 8.54 -1.57 6.84
N LEU B 209 9.15 -2.69 7.21
CA LEU B 209 9.61 -2.81 8.60
C LEU B 209 10.62 -1.71 8.95
N MET B 210 11.44 -1.27 7.98
CA MET B 210 12.45 -0.27 8.28
C MET B 210 11.81 1.08 8.51
N LYS B 211 10.68 1.35 7.86
CA LYS B 211 10.05 2.65 8.06
C LYS B 211 8.98 2.64 9.15
N ALA B 212 8.46 1.45 9.50
CA ALA B 212 7.26 1.40 10.34
C ALA B 212 7.45 2.11 11.66
N PRO B 213 8.58 1.99 12.34
CA PRO B 213 8.69 2.60 13.68
C PRO B 213 8.75 4.10 13.64
N PHE B 214 9.01 4.71 12.48
CA PHE B 214 9.34 6.13 12.31
C PHE B 214 8.26 6.89 11.53
N ILE B 215 7.38 6.20 10.80
CA ILE B 215 6.62 6.87 9.74
C ILE B 215 5.53 7.76 10.33
N GLU B 216 4.92 7.36 11.44
CA GLU B 216 3.90 8.25 12.01
C GLU B 216 4.51 9.56 12.48
N GLU B 217 5.66 9.50 13.20
CA GLU B 217 6.30 10.73 13.64
C GLU B 217 6.71 11.56 12.43
N LEU B 218 7.30 10.90 11.44
CA LEU B 218 7.68 11.57 10.21
C LEU B 218 6.51 12.29 9.56
N ARG B 219 5.36 11.60 9.47
CA ARG B 219 4.16 12.24 8.91
C ARG B 219 3.78 13.49 9.70
N ARG B 220 3.82 13.41 11.03
CA ARG B 220 3.45 14.58 11.81
C ARG B 220 4.52 15.68 11.72
N VAL B 221 5.81 15.30 11.69
CA VAL B 221 6.84 16.32 11.53
C VAL B 221 6.67 17.03 10.20
N ILE B 222 6.44 16.26 9.14
CA ILE B 222 6.28 16.89 7.83
C ILE B 222 5.10 17.86 7.84
N ALA B 223 4.06 17.58 8.65
CA ALA B 223 2.94 18.52 8.74
C ALA B 223 3.32 19.76 9.55
N GLU B 224 3.96 19.61 10.71
CA GLU B 224 4.38 20.81 11.42
C GLU B 224 5.31 21.65 10.54
N GLU B 225 6.34 21.01 9.93
CA GLU B 225 7.27 21.75 9.09
C GLU B 225 6.53 22.54 8.02
N GLY B 226 5.58 21.89 7.35
CA GLY B 226 4.91 22.52 6.24
C GLY B 226 4.08 23.71 6.67
N ASP B 227 3.46 23.61 7.85
CA ASP B 227 2.75 24.75 8.43
C ASP B 227 3.65 25.96 8.49
N ILE B 228 4.80 25.78 9.18
CA ILE B 228 5.81 26.81 9.33
C ILE B 228 6.31 27.29 7.98
N PHE B 229 6.69 26.35 7.08
CA PHE B 229 7.24 26.71 5.79
C PHE B 229 6.28 27.56 4.97
N SER B 230 5.03 27.11 4.90
CA SER B 230 4.01 27.85 4.18
C SER B 230 3.82 29.24 4.79
N THR B 231 3.79 29.32 6.11
CA THR B 231 3.65 30.63 6.72
C THR B 231 4.85 31.52 6.38
N ARG B 232 6.06 30.96 6.42
CA ARG B 232 7.24 31.79 6.15
C ARG B 232 7.30 32.19 4.70
N LEU B 233 6.74 31.37 3.81
CA LEU B 233 6.80 31.76 2.40
C LEU B 233 6.01 33.05 2.11
N ARG B 234 5.02 33.33 2.96
CA ARG B 234 4.18 34.51 2.79
C ARG B 234 4.63 35.67 3.64
N SER B 235 5.76 35.46 4.48
CA SER B 235 6.25 36.51 5.30
C SER B 235 7.29 37.35 4.55
N PRO B 236 7.46 38.59 5.02
CA PRO B 236 8.45 39.46 4.32
C PRO B 236 9.91 38.97 4.32
N GLU B 237 10.33 38.34 5.43
CA GLU B 237 11.72 37.89 5.52
C GLU B 237 12.07 36.97 4.37
N ALA B 238 11.23 35.98 4.10
CA ALA B 238 11.48 35.07 3.00
C ALA B 238 11.19 35.71 1.63
N ILE B 239 10.09 36.46 1.48
CA ILE B 239 9.86 37.08 0.19
C ILE B 239 11.10 37.88 -0.25
N GLU B 240 11.69 38.60 0.68
CA GLU B 240 12.87 39.42 0.38
C GLU B 240 14.06 38.56 -0.02
N ALA B 241 14.36 37.51 0.74
CA ALA B 241 15.52 36.67 0.40
C ALA B 241 15.30 35.94 -0.94
N LEU B 242 14.09 35.49 -1.18
CA LEU B 242 13.75 34.76 -2.39
C LEU B 242 13.86 35.66 -3.61
N SER B 243 13.36 36.89 -3.51
CA SER B 243 13.44 37.82 -4.62
C SER B 243 14.82 38.35 -4.81
N ALA B 244 15.57 38.42 -3.72
CA ALA B 244 16.95 38.79 -3.79
C ALA B 244 17.79 37.75 -4.51
N PHE B 245 17.38 36.48 -4.45
CA PHE B 245 18.10 35.44 -5.17
C PHE B 245 17.83 35.51 -6.67
N MET B 246 16.59 35.66 -7.07
CA MET B 246 16.36 36.29 -8.37
C MET B 246 17.11 37.64 -8.29
N HIS B 247 17.51 38.24 -9.39
CA HIS B 247 18.07 39.59 -9.39
C HIS B 247 19.45 39.67 -8.72
N ARG B 248 20.32 38.68 -8.94
CA ARG B 248 21.68 38.79 -8.41
C ARG B 248 22.62 39.41 -9.44
#